data_1P5D
#
_entry.id   1P5D
#
_cell.length_a   70.700
_cell.length_b   74.193
_cell.length_c   84.836
_cell.angle_alpha   90.00
_cell.angle_beta   90.00
_cell.angle_gamma   90.00
#
_symmetry.space_group_name_H-M   'P 21 21 21'
#
loop_
_entity.id
_entity.type
_entity.pdbx_description
1 polymer Phosphomannomutase
2 non-polymer 1-O-phosphono-alpha-D-glucopyranose
3 non-polymer 'ZINC ION'
4 water water
#
_entity_poly.entity_id   1
_entity_poly.type   'polypeptide(L)'
_entity_poly.pdbx_seq_one_letter_code
;MSTAKAPTLPASIFRAYDIRGVVGDTLTAETAYWIGRAIGSESLARGEPCVAVGRDGRLSGPELVKQLIQGLVDCGCQVS
DVGMVPTPVLYYAANVLEGKSGVMLTG(SEP)HNPPDYNGFKIVVAGETLANEQIQALRERIEKNDLASGVGSVEQVDIL
PRYFKQIRDDIAMAKPMKVVVDCGNGVAGVIAPQLIEALGCSVIPLYCEVDGNFPNHHPDPGKPENLKDLIAKVKAENAD
LGLAFDGDGDRVGVVTNTGTIIYPDRLLMLFAKDVVSRNPGADIIFDVKCTRRLIALISGYGGRPVMWKTGHSLIKKKMK
ETGALLAGEMSGHVFFKERWFGFDDGIYSAARLLEILSQDQRDSEHVFSAFPSDISTPEINITVTEDSKFAIIEALQRDA
QWGEGNITTLDGVRVDYPKGWGLVRASNTTPVLVLRFEADTEEELERIKTVFRNQLKAVDSSLPVPF
;
_entity_poly.pdbx_strand_id   X
#
loop_
_chem_comp.id
_chem_comp.type
_chem_comp.name
_chem_comp.formula
G1P D-saccharide 1-O-phosphono-alpha-D-glucopyranose 'C6 H13 O9 P'
ZN non-polymer 'ZINC ION' 'Zn 2'
#
# COMPACT_ATOMS: atom_id res chain seq x y z
N LEU A 9 -22.15 -7.92 13.66
CA LEU A 9 -20.77 -8.09 13.17
C LEU A 9 -19.75 -7.62 14.21
N PRO A 10 -18.58 -8.27 14.28
CA PRO A 10 -17.53 -7.85 15.21
C PRO A 10 -16.99 -6.47 14.87
N ALA A 11 -16.80 -5.63 15.87
CA ALA A 11 -16.27 -4.29 15.64
C ALA A 11 -14.81 -4.33 15.19
N SER A 12 -14.07 -5.36 15.59
CA SER A 12 -12.63 -5.37 15.38
C SER A 12 -12.20 -5.43 13.91
N ILE A 13 -13.10 -5.87 13.02
CA ILE A 13 -12.75 -5.95 11.60
C ILE A 13 -12.81 -4.59 10.92
N PHE A 14 -13.48 -3.63 11.56
CA PHE A 14 -13.61 -2.27 11.02
C PHE A 14 -12.43 -1.43 11.51
N ARG A 15 -11.43 -1.30 10.63
N ARG A 15 -11.44 -1.28 10.63
CA ARG A 15 -10.15 -0.72 10.95
CA ARG A 15 -10.20 -0.66 10.98
C ARG A 15 -10.00 0.66 10.30
C ARG A 15 -10.02 0.70 10.33
N ALA A 16 -8.88 1.33 10.55
CA ALA A 16 -8.66 2.69 10.11
C ALA A 16 -8.66 2.81 8.59
N TYR A 17 -8.05 1.86 7.90
CA TYR A 17 -7.86 2.01 6.45
C TYR A 17 -8.86 1.25 5.63
N ASP A 18 -9.54 0.30 6.24
N ASP A 18 -9.35 0.16 6.19
CA ASP A 18 -10.37 -0.65 5.51
CA ASP A 18 -10.08 -0.86 5.48
C ASP A 18 -10.90 -1.71 6.48
C ASP A 18 -10.88 -1.72 6.47
N ILE A 19 -11.52 -2.76 5.95
CA ILE A 19 -12.07 -3.86 6.74
C ILE A 19 -11.19 -5.10 6.53
N ARG A 20 -10.86 -5.80 7.61
N ARG A 20 -10.81 -5.77 7.63
CA ARG A 20 -10.11 -7.03 7.49
CA ARG A 20 -9.90 -6.92 7.61
C ARG A 20 -10.38 -7.93 8.67
C ARG A 20 -10.35 -7.92 8.70
N GLY A 21 -10.48 -9.20 8.35
CA GLY A 21 -10.75 -10.23 9.35
C GLY A 21 -10.21 -11.58 8.90
N VAL A 22 -10.57 -12.60 9.66
CA VAL A 22 -10.18 -13.97 9.38
C VAL A 22 -11.42 -14.77 9.03
N VAL A 23 -11.43 -15.38 7.85
CA VAL A 23 -12.60 -16.10 7.36
C VAL A 23 -12.85 -17.36 8.20
N GLY A 24 -14.11 -17.52 8.62
CA GLY A 24 -14.49 -18.59 9.53
C GLY A 24 -14.51 -18.15 10.98
N ASP A 25 -13.84 -17.03 11.27
CA ASP A 25 -13.75 -16.50 12.62
C ASP A 25 -14.51 -15.16 12.65
N THR A 26 -13.83 -14.07 12.31
CA THR A 26 -14.45 -12.75 12.37
C THR A 26 -15.06 -12.28 11.03
N LEU A 27 -14.91 -13.08 9.97
CA LEU A 27 -15.49 -12.74 8.67
C LEU A 27 -16.19 -13.95 8.09
N THR A 28 -17.49 -13.85 7.91
CA THR A 28 -18.29 -14.90 7.30
C THR A 28 -18.98 -14.39 6.05
N ALA A 29 -19.61 -15.31 5.33
CA ALA A 29 -20.43 -14.99 4.17
C ALA A 29 -21.53 -13.97 4.50
N GLU A 30 -22.19 -14.15 5.64
CA GLU A 30 -23.27 -13.24 6.02
C GLU A 30 -22.74 -11.81 6.29
N THR A 31 -21.58 -11.69 6.91
N THR A 31 -21.58 -11.72 6.92
CA THR A 31 -21.02 -10.35 7.17
CA THR A 31 -20.95 -10.43 7.21
C THR A 31 -20.57 -9.69 5.87
C THR A 31 -20.58 -9.72 5.90
N ALA A 32 -20.09 -10.46 4.91
CA ALA A 32 -19.80 -9.90 3.59
C ALA A 32 -21.08 -9.33 2.94
N TYR A 33 -22.20 -10.02 3.08
CA TYR A 33 -23.48 -9.54 2.56
C TYR A 33 -23.84 -8.17 3.16
N TRP A 34 -23.84 -8.09 4.49
CA TRP A 34 -24.25 -6.84 5.15
C TRP A 34 -23.25 -5.71 4.92
N ILE A 35 -21.97 -6.03 4.78
CA ILE A 35 -20.99 -5.03 4.39
C ILE A 35 -21.34 -4.51 2.99
N GLY A 36 -21.70 -5.40 2.06
CA GLY A 36 -22.18 -4.98 0.74
C GLY A 36 -23.38 -4.05 0.85
N ARG A 37 -24.36 -4.42 1.68
N ARG A 37 -24.32 -4.41 1.70
CA ARG A 37 -25.51 -3.53 1.91
CA ARG A 37 -25.50 -3.59 1.91
C ARG A 37 -25.03 -2.17 2.37
C ARG A 37 -25.14 -2.21 2.48
N ALA A 38 -24.15 -2.15 3.38
CA ALA A 38 -23.72 -0.86 3.92
C ALA A 38 -23.01 0.01 2.90
N ILE A 39 -22.11 -0.59 2.10
CA ILE A 39 -21.36 0.14 1.10
C ILE A 39 -22.31 0.67 0.02
N GLY A 40 -23.27 -0.15 -0.39
CA GLY A 40 -24.24 0.25 -1.41
C GLY A 40 -25.07 1.41 -0.94
N SER A 41 -25.44 1.39 0.34
CA SER A 41 -26.25 2.44 0.92
C SER A 41 -25.45 3.73 0.97
N GLU A 42 -24.19 3.64 1.35
CA GLU A 42 -23.35 4.84 1.42
C GLU A 42 -23.09 5.41 0.02
N SER A 43 -22.86 4.55 -0.96
CA SER A 43 -22.65 5.01 -2.33
C SER A 43 -23.88 5.73 -2.86
N LEU A 44 -25.04 5.16 -2.62
CA LEU A 44 -26.31 5.81 -3.03
C LEU A 44 -26.53 7.14 -2.31
N ALA A 45 -26.12 7.22 -1.05
CA ALA A 45 -26.27 8.46 -0.28
C ALA A 45 -25.39 9.56 -0.86
N ARG A 46 -24.31 9.17 -1.53
CA ARG A 46 -23.41 10.09 -2.20
C ARG A 46 -23.74 10.26 -3.68
N GLY A 47 -24.89 9.73 -4.10
CA GLY A 47 -25.35 9.90 -5.47
C GLY A 47 -24.79 8.98 -6.52
N GLU A 48 -24.21 7.86 -6.10
CA GLU A 48 -23.50 6.94 -7.01
C GLU A 48 -24.09 5.54 -6.95
N PRO A 49 -24.95 5.20 -7.90
CA PRO A 49 -25.50 3.83 -7.92
C PRO A 49 -24.56 2.78 -8.51
N CYS A 50 -23.48 3.20 -9.15
CA CYS A 50 -22.65 2.30 -9.94
C CYS A 50 -21.39 1.94 -9.16
N VAL A 51 -21.19 0.64 -8.93
CA VAL A 51 -20.12 0.13 -8.07
C VAL A 51 -19.38 -1.02 -8.75
N ALA A 52 -18.05 -0.91 -8.85
CA ALA A 52 -17.21 -1.99 -9.38
C ALA A 52 -16.84 -2.91 -8.21
N VAL A 53 -16.73 -4.20 -8.51
CA VAL A 53 -16.34 -5.18 -7.50
C VAL A 53 -15.27 -6.10 -8.06
N GLY A 54 -14.17 -6.24 -7.32
CA GLY A 54 -13.06 -7.14 -7.63
C GLY A 54 -12.71 -8.03 -6.46
N ARG A 55 -11.96 -9.10 -6.72
CA ARG A 55 -11.43 -9.96 -5.66
C ARG A 55 -10.01 -10.39 -6.02
N ASP A 56 -9.23 -10.72 -5.00
CA ASP A 56 -7.90 -11.27 -5.20
C ASP A 56 -7.95 -12.80 -5.39
N GLY A 57 -6.81 -13.46 -5.26
CA GLY A 57 -6.72 -14.90 -5.49
C GLY A 57 -6.82 -15.79 -4.27
N ARG A 58 -7.50 -15.33 -3.23
CA ARG A 58 -7.63 -16.09 -1.99
C ARG A 58 -8.73 -17.16 -2.09
N LEU A 59 -8.58 -18.18 -1.25
CA LEU A 59 -9.45 -19.34 -1.26
C LEU A 59 -10.91 -18.96 -1.02
N SER A 60 -11.11 -17.96 -0.17
CA SER A 60 -12.44 -17.52 0.25
C SER A 60 -13.06 -16.50 -0.71
N GLY A 61 -12.32 -16.10 -1.75
CA GLY A 61 -12.76 -15.11 -2.71
C GLY A 61 -14.11 -15.37 -3.34
N PRO A 62 -14.28 -16.50 -4.02
CA PRO A 62 -15.57 -16.83 -4.65
C PRO A 62 -16.75 -16.78 -3.66
N GLU A 63 -16.63 -17.37 -2.48
CA GLU A 63 -17.76 -17.39 -1.53
C GLU A 63 -18.13 -15.98 -1.03
N LEU A 64 -17.14 -15.20 -0.62
CA LEU A 64 -17.44 -13.91 -0.03
C LEU A 64 -17.85 -12.93 -1.12
N VAL A 65 -17.25 -13.01 -2.32
CA VAL A 65 -17.54 -11.99 -3.34
C VAL A 65 -19.01 -12.07 -3.80
N LYS A 66 -19.58 -13.27 -3.85
CA LYS A 66 -20.97 -13.39 -4.27
C LYS A 66 -21.91 -12.67 -3.28
N GLN A 67 -21.59 -12.76 -2.00
CA GLN A 67 -22.37 -12.10 -0.96
C GLN A 67 -22.21 -10.60 -0.98
N LEU A 68 -20.98 -10.14 -1.16
CA LEU A 68 -20.70 -8.71 -1.32
C LEU A 68 -21.52 -8.13 -2.46
N ILE A 69 -21.48 -8.82 -3.61
CA ILE A 69 -22.25 -8.38 -4.76
C ILE A 69 -23.75 -8.37 -4.47
N GLN A 70 -24.28 -9.40 -3.81
CA GLN A 70 -25.72 -9.44 -3.53
C GLN A 70 -26.12 -8.30 -2.60
N GLY A 71 -25.26 -7.97 -1.64
CA GLY A 71 -25.54 -6.88 -0.73
C GLY A 71 -25.67 -5.57 -1.48
N LEU A 72 -24.77 -5.33 -2.44
CA LEU A 72 -24.85 -4.14 -3.26
C LEU A 72 -26.10 -4.13 -4.13
N VAL A 73 -26.38 -5.26 -4.77
CA VAL A 73 -27.56 -5.41 -5.62
C VAL A 73 -28.85 -5.15 -4.83
N ASP A 74 -28.89 -5.63 -3.59
CA ASP A 74 -30.07 -5.48 -2.76
C ASP A 74 -30.31 -4.05 -2.27
N CYS A 75 -29.37 -3.14 -2.51
CA CYS A 75 -29.58 -1.70 -2.34
C CYS A 75 -30.20 -1.00 -3.53
N GLY A 76 -30.18 -1.65 -4.70
CA GLY A 76 -30.51 -0.99 -5.95
C GLY A 76 -29.29 -0.57 -6.76
N CYS A 77 -28.09 -1.01 -6.38
CA CYS A 77 -26.88 -0.65 -7.11
C CYS A 77 -26.69 -1.42 -8.41
N GLN A 78 -26.05 -0.75 -9.36
CA GLN A 78 -25.60 -1.36 -10.60
C GLN A 78 -24.14 -1.78 -10.43
N VAL A 79 -23.92 -3.08 -10.25
CA VAL A 79 -22.58 -3.60 -9.98
C VAL A 79 -21.88 -3.96 -11.28
N SER A 80 -20.61 -3.61 -11.38
CA SER A 80 -19.71 -4.06 -12.45
C SER A 80 -18.73 -5.06 -11.83
N ASP A 81 -18.96 -6.33 -12.12
CA ASP A 81 -18.15 -7.43 -11.57
C ASP A 81 -16.95 -7.67 -12.47
N VAL A 82 -15.76 -7.25 -12.02
CA VAL A 82 -14.52 -7.42 -12.80
C VAL A 82 -13.74 -8.70 -12.47
N GLY A 83 -14.30 -9.55 -11.65
CA GLY A 83 -13.74 -10.84 -11.36
C GLY A 83 -12.50 -10.78 -10.49
N MET A 84 -11.56 -11.67 -10.78
CA MET A 84 -10.33 -11.80 -10.01
C MET A 84 -9.26 -10.90 -10.62
N VAL A 85 -8.85 -9.88 -9.88
CA VAL A 85 -7.92 -8.88 -10.39
C VAL A 85 -7.04 -8.37 -9.27
N PRO A 86 -5.88 -7.78 -9.58
CA PRO A 86 -5.15 -7.00 -8.58
C PRO A 86 -5.98 -5.83 -8.05
N THR A 87 -5.76 -5.50 -6.79
CA THR A 87 -6.32 -4.31 -6.20
C THR A 87 -6.25 -3.06 -7.09
N PRO A 88 -5.09 -2.70 -7.62
CA PRO A 88 -5.06 -1.49 -8.49
C PRO A 88 -5.95 -1.57 -9.73
N VAL A 89 -6.20 -2.79 -10.22
CA VAL A 89 -7.07 -2.96 -11.35
C VAL A 89 -8.52 -2.67 -10.97
N LEU A 90 -8.91 -3.05 -9.76
CA LEU A 90 -10.22 -2.64 -9.25
C LEU A 90 -10.28 -1.09 -9.12
N TYR A 91 -9.23 -0.47 -8.57
CA TYR A 91 -9.18 0.99 -8.50
C TYR A 91 -9.27 1.63 -9.90
N TYR A 92 -8.61 1.01 -10.88
CA TYR A 92 -8.68 1.45 -12.25
C TYR A 92 -10.11 1.43 -12.78
N ALA A 93 -10.79 0.31 -12.53
CA ALA A 93 -12.19 0.18 -12.92
C ALA A 93 -13.05 1.30 -12.33
N ALA A 94 -12.82 1.66 -11.07
CA ALA A 94 -13.56 2.73 -10.42
C ALA A 94 -13.14 4.13 -10.89
N ASN A 95 -12.17 4.20 -11.78
CA ASN A 95 -11.82 5.44 -12.45
C ASN A 95 -12.25 5.52 -13.91
N VAL A 96 -12.47 4.39 -14.58
CA VAL A 96 -12.74 4.39 -16.03
C VAL A 96 -14.14 3.92 -16.37
N LEU A 97 -14.79 3.18 -15.48
CA LEU A 97 -16.18 2.78 -15.73
C LEU A 97 -17.13 3.94 -15.41
N GLU A 98 -18.43 3.69 -15.56
CA GLU A 98 -19.46 4.68 -15.28
C GLU A 98 -19.37 5.23 -13.85
N GLY A 99 -19.26 4.31 -12.88
CA GLY A 99 -19.30 4.65 -11.49
C GLY A 99 -17.93 4.98 -10.93
N LYS A 100 -17.93 5.82 -9.89
CA LYS A 100 -16.72 6.17 -9.17
C LYS A 100 -16.63 5.45 -7.83
N SER A 101 -17.48 4.43 -7.62
CA SER A 101 -17.37 3.59 -6.43
C SER A 101 -16.81 2.21 -6.78
N GLY A 102 -16.11 1.60 -5.84
CA GLY A 102 -15.57 0.29 -6.05
C GLY A 102 -15.23 -0.37 -4.74
N VAL A 103 -15.32 -1.69 -4.73
CA VAL A 103 -14.95 -2.50 -3.56
C VAL A 103 -14.01 -3.61 -4.03
N MET A 104 -12.86 -3.72 -3.39
CA MET A 104 -11.93 -4.82 -3.58
C MET A 104 -11.97 -5.77 -2.39
N LEU A 105 -12.27 -7.04 -2.66
CA LEU A 105 -12.28 -8.10 -1.64
C LEU A 105 -10.88 -8.68 -1.59
N THR A 106 -10.13 -8.32 -0.56
CA THR A 106 -8.75 -8.78 -0.43
C THR A 106 -8.31 -8.85 1.02
N GLY A 107 -7.42 -9.81 1.28
CA GLY A 107 -6.68 -9.94 2.51
C GLY A 107 -5.24 -9.43 2.41
N SEP A 108 -4.94 -8.73 1.33
CA SEP A 108 -3.67 -8.06 1.14
CB SEP A 108 -3.52 -6.90 2.14
OG SEP A 108 -2.30 -6.26 1.89
C SEP A 108 -2.48 -9.04 1.16
O SEP A 108 -2.41 -9.92 0.30
P SEP A 108 -2.15 -4.67 2.16
O1P SEP A 108 -1.11 -4.66 3.36
O2P SEP A 108 -3.51 -3.92 2.46
O3P SEP A 108 -1.54 -4.08 0.84
N HIS A 109 -1.56 -8.93 2.14
CA HIS A 109 -0.39 -9.78 2.23
C HIS A 109 -0.49 -10.80 3.38
N ASN A 110 -1.65 -10.84 4.03
CA ASN A 110 -1.87 -11.69 5.21
C ASN A 110 -1.97 -13.18 4.86
N PRO A 111 -1.85 -14.04 5.88
CA PRO A 111 -1.98 -15.48 5.66
C PRO A 111 -3.30 -15.90 4.98
N PRO A 112 -3.34 -17.11 4.43
CA PRO A 112 -4.44 -17.54 3.54
C PRO A 112 -5.86 -17.31 4.02
N ASP A 113 -6.13 -17.45 5.32
CA ASP A 113 -7.51 -17.40 5.79
C ASP A 113 -8.03 -15.98 5.99
N TYR A 114 -7.17 -14.98 5.80
CA TYR A 114 -7.53 -13.58 5.98
C TYR A 114 -8.22 -13.07 4.71
N ASN A 115 -9.20 -12.21 4.88
CA ASN A 115 -9.76 -11.45 3.76
C ASN A 115 -10.28 -10.11 4.30
N GLY A 116 -10.90 -9.32 3.44
CA GLY A 116 -11.29 -7.98 3.84
C GLY A 116 -11.78 -7.17 2.67
N PHE A 117 -11.99 -5.87 2.90
CA PHE A 117 -12.56 -4.98 1.92
C PHE A 117 -11.82 -3.66 1.89
N LYS A 118 -11.42 -3.22 0.70
CA LYS A 118 -10.89 -1.87 0.45
C LYS A 118 -11.95 -1.15 -0.37
N ILE A 119 -12.34 0.05 0.06
CA ILE A 119 -13.59 0.65 -0.35
C ILE A 119 -13.41 2.08 -0.84
N VAL A 120 -13.89 2.32 -2.04
CA VAL A 120 -13.93 3.64 -2.63
C VAL A 120 -15.39 4.00 -2.92
N VAL A 121 -15.85 5.15 -2.46
CA VAL A 121 -17.23 5.57 -2.67
C VAL A 121 -17.23 6.97 -3.31
N ALA A 122 -17.86 7.09 -4.48
CA ALA A 122 -17.93 8.38 -5.17
C ALA A 122 -16.57 9.11 -5.20
N GLY A 123 -15.53 8.35 -5.54
CA GLY A 123 -14.18 8.86 -5.75
C GLY A 123 -13.27 8.82 -4.53
N GLU A 124 -13.88 8.78 -3.36
CA GLU A 124 -13.10 8.84 -2.09
C GLU A 124 -12.88 7.48 -1.44
N THR A 125 -11.63 7.22 -1.08
CA THR A 125 -11.24 6.02 -0.35
C THR A 125 -11.65 6.23 1.09
N LEU A 126 -12.44 5.31 1.63
CA LEU A 126 -12.97 5.47 2.98
C LEU A 126 -11.89 5.14 4.00
N ALA A 127 -11.93 5.88 5.12
CA ALA A 127 -11.04 5.61 6.25
C ALA A 127 -11.68 6.09 7.55
N ASN A 128 -11.15 5.58 8.66
CA ASN A 128 -11.45 6.07 10.00
C ASN A 128 -12.94 6.06 10.27
N GLU A 129 -13.53 7.21 10.60
CA GLU A 129 -14.94 7.28 10.95
C GLU A 129 -15.86 6.86 9.80
N GLN A 130 -15.40 6.93 8.55
CA GLN A 130 -16.21 6.47 7.42
C GLN A 130 -16.34 4.94 7.37
N ILE A 131 -15.30 4.22 7.77
CA ILE A 131 -15.39 2.76 7.89
C ILE A 131 -16.29 2.39 9.08
N GLN A 132 -16.15 3.09 10.20
CA GLN A 132 -17.06 2.91 11.32
C GLN A 132 -18.49 3.18 10.93
N ALA A 133 -18.70 4.15 10.03
CA ALA A 133 -20.07 4.52 9.61
C ALA A 133 -20.76 3.38 8.93
N LEU A 134 -19.99 2.54 8.23
CA LEU A 134 -20.56 1.34 7.60
C LEU A 134 -21.10 0.35 8.64
N ARG A 135 -20.28 0.09 9.67
CA ARG A 135 -20.64 -0.77 10.78
C ARG A 135 -21.90 -0.24 11.43
N GLU A 136 -21.95 1.08 11.62
CA GLU A 136 -23.08 1.74 12.27
C GLU A 136 -24.35 1.64 11.45
N ARG A 137 -24.24 1.74 10.13
CA ARG A 137 -25.41 1.60 9.27
C ARG A 137 -26.07 0.26 9.46
N ILE A 138 -25.25 -0.78 9.55
CA ILE A 138 -25.77 -2.14 9.71
C ILE A 138 -26.48 -2.27 11.05
N GLU A 139 -25.84 -1.78 12.11
CA GLU A 139 -26.41 -1.86 13.46
C GLU A 139 -27.75 -1.13 13.52
N LYS A 140 -27.83 0.02 12.84
CA LYS A 140 -29.02 0.90 12.86
C LYS A 140 -30.10 0.48 11.86
N ASN A 141 -29.78 -0.46 10.98
CA ASN A 141 -30.64 -0.81 9.82
C ASN A 141 -30.88 0.41 8.92
N ASP A 142 -29.89 1.30 8.86
CA ASP A 142 -29.93 2.47 8.02
C ASP A 142 -29.36 2.07 6.65
N LEU A 143 -30.17 1.30 5.94
CA LEU A 143 -29.77 0.58 4.75
C LEU A 143 -30.80 0.75 3.65
N ALA A 144 -30.30 0.99 2.45
CA ALA A 144 -31.13 1.11 1.26
C ALA A 144 -31.67 -0.25 0.86
N SER A 145 -32.83 -0.22 0.22
N SER A 145 -32.81 -0.24 0.20
CA SER A 145 -33.47 -1.38 -0.37
CA SER A 145 -33.44 -1.44 -0.35
C SER A 145 -33.79 -1.06 -1.82
C SER A 145 -33.92 -1.16 -1.76
N GLY A 146 -33.50 -2.01 -2.70
CA GLY A 146 -33.84 -1.84 -4.10
C GLY A 146 -33.49 -3.10 -4.91
N VAL A 147 -33.74 -3.01 -6.21
CA VAL A 147 -33.53 -4.13 -7.12
C VAL A 147 -32.47 -3.68 -8.10
N GLY A 148 -31.22 -4.02 -7.78
CA GLY A 148 -30.10 -3.62 -8.59
C GLY A 148 -29.79 -4.64 -9.68
N SER A 149 -28.55 -4.65 -10.13
CA SER A 149 -28.16 -5.42 -11.32
C SER A 149 -26.68 -5.71 -11.27
N VAL A 150 -26.26 -6.75 -12.00
CA VAL A 150 -24.84 -7.08 -12.14
C VAL A 150 -24.47 -7.25 -13.59
N GLU A 151 -23.38 -6.61 -14.01
CA GLU A 151 -22.83 -6.79 -15.33
C GLU A 151 -21.39 -7.26 -15.17
N GLN A 152 -21.00 -8.25 -15.97
CA GLN A 152 -19.62 -8.70 -15.99
C GLN A 152 -18.85 -7.76 -16.84
N VAL A 153 -17.64 -7.41 -16.39
CA VAL A 153 -16.78 -6.51 -17.12
C VAL A 153 -15.39 -7.14 -17.11
N ASP A 154 -14.84 -7.32 -18.29
CA ASP A 154 -13.49 -7.83 -18.48
C ASP A 154 -12.55 -6.65 -18.66
N ILE A 155 -11.97 -6.19 -17.57
CA ILE A 155 -11.23 -4.92 -17.53
C ILE A 155 -9.72 -5.06 -17.68
N LEU A 156 -9.18 -6.25 -17.39
N LEU A 156 -9.19 -6.26 -17.40
CA LEU A 156 -7.73 -6.44 -17.44
CA LEU A 156 -7.74 -6.44 -17.43
C LEU A 156 -7.09 -6.06 -18.78
C LEU A 156 -7.09 -6.08 -18.77
N PRO A 157 -7.66 -6.48 -19.92
CA PRO A 157 -7.06 -6.06 -21.20
C PRO A 157 -6.95 -4.53 -21.39
N ARG A 158 -7.92 -3.78 -20.88
CA ARG A 158 -7.92 -2.32 -20.99
C ARG A 158 -6.81 -1.72 -20.16
N TYR A 159 -6.65 -2.21 -18.96
CA TYR A 159 -5.62 -1.79 -18.05
C TYR A 159 -4.24 -2.08 -18.65
N PHE A 160 -4.07 -3.29 -19.16
CA PHE A 160 -2.84 -3.74 -19.81
C PHE A 160 -2.44 -2.79 -20.93
N LYS A 161 -3.38 -2.49 -21.80
CA LYS A 161 -3.12 -1.64 -22.97
C LYS A 161 -2.86 -0.19 -22.55
N GLN A 162 -3.60 0.28 -21.54
CA GLN A 162 -3.43 1.62 -21.03
C GLN A 162 -1.98 1.83 -20.60
N ILE A 163 -1.44 0.87 -19.85
CA ILE A 163 -0.05 0.98 -19.37
C ILE A 163 0.95 0.79 -20.50
N ARG A 164 0.75 -0.25 -21.28
CA ARG A 164 1.72 -0.59 -22.32
C ARG A 164 1.93 0.59 -23.28
N ASP A 165 0.84 1.26 -23.61
CA ASP A 165 0.90 2.33 -24.60
C ASP A 165 1.39 3.66 -24.08
N ASP A 166 1.56 3.80 -22.77
CA ASP A 166 2.16 5.02 -22.24
C ASP A 166 3.56 4.82 -21.67
N ILE A 167 4.05 3.59 -21.65
CA ILE A 167 5.40 3.33 -21.14
C ILE A 167 6.32 3.12 -22.33
N ALA A 168 7.47 3.79 -22.32
CA ALA A 168 8.39 3.71 -23.45
C ALA A 168 9.79 3.40 -22.95
N MET A 169 10.08 2.11 -22.85
CA MET A 169 11.41 1.64 -22.54
C MET A 169 12.33 1.91 -23.73
N ALA A 170 13.55 2.31 -23.42
CA ALA A 170 14.53 2.71 -24.42
C ALA A 170 15.46 1.58 -24.79
N LYS A 171 15.46 0.51 -24.00
CA LYS A 171 16.27 -0.68 -24.27
C LYS A 171 15.69 -1.89 -23.53
N PRO A 172 16.06 -3.09 -23.97
CA PRO A 172 15.58 -4.30 -23.29
C PRO A 172 16.27 -4.55 -21.95
N MET A 173 15.48 -5.10 -21.01
CA MET A 173 16.00 -5.49 -19.71
C MET A 173 15.55 -6.93 -19.40
N LYS A 174 16.32 -7.64 -18.58
CA LYS A 174 15.94 -8.97 -18.12
C LYS A 174 15.58 -8.82 -16.65
N VAL A 175 14.38 -9.25 -16.28
CA VAL A 175 13.81 -8.97 -14.96
C VAL A 175 13.25 -10.23 -14.33
N VAL A 176 13.63 -10.51 -13.09
CA VAL A 176 12.99 -11.58 -12.33
C VAL A 176 11.76 -10.99 -11.65
N VAL A 177 10.63 -11.67 -11.75
CA VAL A 177 9.38 -11.18 -11.17
C VAL A 177 8.83 -12.21 -10.20
N ASP A 178 8.74 -11.84 -8.92
CA ASP A 178 8.25 -12.73 -7.88
C ASP A 178 6.83 -12.27 -7.46
N CYS A 179 5.80 -13.03 -7.81
CA CYS A 179 4.42 -12.68 -7.45
C CYS A 179 3.96 -13.28 -6.12
N GLY A 180 4.78 -14.13 -5.50
CA GLY A 180 4.44 -14.71 -4.21
C GLY A 180 3.14 -15.53 -4.19
N ASN A 181 2.79 -16.11 -5.33
CA ASN A 181 1.55 -16.84 -5.54
C ASN A 181 0.28 -16.01 -5.35
N GLY A 182 0.42 -14.70 -5.34
CA GLY A 182 -0.72 -13.81 -5.26
C GLY A 182 -1.28 -13.49 -6.62
N VAL A 183 -2.24 -12.57 -6.65
CA VAL A 183 -2.99 -12.29 -7.86
C VAL A 183 -2.18 -11.47 -8.90
N ALA A 184 -1.01 -10.94 -8.55
CA ALA A 184 -0.24 -10.17 -9.53
C ALA A 184 0.18 -11.05 -10.72
N GLY A 185 0.19 -12.36 -10.55
CA GLY A 185 0.52 -13.25 -11.63
C GLY A 185 -0.44 -13.31 -12.80
N VAL A 186 -1.61 -12.68 -12.69
CA VAL A 186 -2.56 -12.60 -13.82
C VAL A 186 -2.14 -11.58 -14.88
N ILE A 187 -1.20 -10.72 -14.54
CA ILE A 187 -0.79 -9.64 -15.43
C ILE A 187 0.66 -9.18 -15.34
N ALA A 188 1.26 -9.13 -14.15
CA ALA A 188 2.59 -8.52 -14.06
C ALA A 188 3.64 -9.13 -15.02
N PRO A 189 3.86 -10.45 -15.02
CA PRO A 189 4.85 -11.01 -15.94
C PRO A 189 4.51 -10.74 -17.42
N GLN A 190 3.25 -10.84 -17.77
CA GLN A 190 2.79 -10.62 -19.14
C GLN A 190 3.00 -9.17 -19.55
N LEU A 191 2.64 -8.24 -18.68
CA LEU A 191 2.76 -6.83 -18.98
C LEU A 191 4.23 -6.41 -19.07
N ILE A 192 5.04 -6.82 -18.10
CA ILE A 192 6.44 -6.47 -18.13
C ILE A 192 7.14 -6.98 -19.39
N GLU A 193 6.84 -8.21 -19.81
CA GLU A 193 7.33 -8.70 -21.08
C GLU A 193 6.88 -7.82 -22.23
N ALA A 194 5.61 -7.43 -22.23
CA ALA A 194 5.09 -6.60 -23.33
C ALA A 194 5.73 -5.21 -23.42
N LEU A 195 6.28 -4.71 -22.32
CA LEU A 195 7.01 -3.45 -22.30
C LEU A 195 8.30 -3.53 -23.08
N GLY A 196 8.81 -4.76 -23.23
CA GLY A 196 10.05 -5.04 -23.93
C GLY A 196 11.13 -5.66 -23.05
N CYS A 197 10.70 -6.50 -22.11
CA CYS A 197 11.62 -7.21 -21.21
C CYS A 197 11.58 -8.71 -21.44
N SER A 198 12.64 -9.40 -21.04
CA SER A 198 12.58 -10.83 -20.75
C SER A 198 12.25 -10.99 -19.29
N VAL A 199 11.31 -11.87 -18.97
CA VAL A 199 10.88 -12.10 -17.60
C VAL A 199 11.10 -13.51 -17.15
N ILE A 200 11.77 -13.64 -16.00
CA ILE A 200 11.95 -14.88 -15.28
C ILE A 200 10.92 -14.93 -14.16
N PRO A 201 9.91 -15.76 -14.27
CA PRO A 201 8.85 -15.80 -13.25
C PRO A 201 9.26 -16.62 -12.01
N LEU A 202 8.90 -16.12 -10.85
CA LEU A 202 9.04 -16.82 -9.58
C LEU A 202 7.68 -16.79 -8.89
N TYR A 203 7.08 -17.95 -8.64
CA TYR A 203 5.84 -18.03 -7.87
C TYR A 203 4.74 -17.20 -8.50
N CYS A 204 4.62 -17.30 -9.81
CA CYS A 204 3.66 -16.49 -10.54
C CYS A 204 2.35 -17.24 -10.80
N GLU A 205 2.24 -18.49 -10.37
CA GLU A 205 0.95 -19.19 -10.38
C GLU A 205 0.11 -18.70 -9.21
N VAL A 206 -1.12 -18.30 -9.47
CA VAL A 206 -2.02 -17.85 -8.41
C VAL A 206 -2.41 -19.04 -7.55
N ASP A 207 -2.09 -18.99 -6.26
CA ASP A 207 -2.37 -20.09 -5.35
C ASP A 207 -2.66 -19.53 -3.97
N GLY A 208 -3.95 -19.53 -3.59
CA GLY A 208 -4.39 -18.97 -2.31
C GLY A 208 -3.86 -19.65 -1.06
N ASN A 209 -3.24 -20.83 -1.23
CA ASN A 209 -2.56 -21.50 -0.12
C ASN A 209 -1.20 -20.87 0.22
N PHE A 210 -0.67 -20.03 -0.67
CA PHE A 210 0.63 -19.38 -0.47
C PHE A 210 1.68 -20.37 0.05
N PRO A 211 1.93 -21.42 -0.73
CA PRO A 211 2.79 -22.54 -0.30
C PRO A 211 4.29 -22.26 -0.30
N ASN A 212 4.72 -21.11 -0.83
N ASN A 212 4.69 -21.19 -0.97
CA ASN A 212 6.15 -20.79 -0.89
CA ASN A 212 6.07 -20.72 -0.89
C ASN A 212 6.65 -19.82 0.20
C ASN A 212 6.08 -19.59 0.13
N HIS A 213 6.82 -18.52 -0.11
CA HIS A 213 6.93 -17.50 0.92
C HIS A 213 5.64 -16.67 0.88
N HIS A 214 5.28 -16.04 1.98
CA HIS A 214 4.09 -15.17 1.95
C HIS A 214 4.41 -13.99 1.03
N PRO A 215 3.39 -13.48 0.34
CA PRO A 215 3.60 -12.41 -0.61
C PRO A 215 3.63 -11.06 0.13
N ASP A 216 4.75 -10.83 0.82
CA ASP A 216 5.00 -9.63 1.62
C ASP A 216 6.43 -9.17 1.33
N PRO A 217 6.63 -8.37 0.28
CA PRO A 217 7.97 -7.93 -0.13
C PRO A 217 8.65 -6.94 0.81
N GLY A 218 7.95 -6.51 1.86
CA GLY A 218 8.54 -5.63 2.85
C GLY A 218 9.49 -6.29 3.82
N LYS A 219 9.49 -7.62 3.85
CA LYS A 219 10.38 -8.40 4.71
C LYS A 219 11.53 -8.98 3.86
N PRO A 220 12.78 -8.74 4.23
CA PRO A 220 13.92 -9.26 3.48
C PRO A 220 13.88 -10.76 3.22
N GLU A 221 13.34 -11.53 4.17
CA GLU A 221 13.32 -12.98 4.05
C GLU A 221 12.45 -13.44 2.88
N ASN A 222 11.45 -12.64 2.53
CA ASN A 222 10.57 -12.95 1.41
C ASN A 222 11.14 -12.50 0.05
N LEU A 223 12.32 -11.91 0.07
CA LEU A 223 13.04 -11.52 -1.13
C LEU A 223 14.28 -12.42 -1.34
N LYS A 224 14.51 -13.39 -0.45
CA LYS A 224 15.70 -14.24 -0.56
C LYS A 224 15.78 -14.96 -1.91
N ASP A 225 14.67 -15.58 -2.30
CA ASP A 225 14.62 -16.35 -3.53
C ASP A 225 14.80 -15.43 -4.76
N LEU A 226 14.20 -14.25 -4.69
CA LEU A 226 14.30 -13.28 -5.76
C LEU A 226 15.77 -12.84 -5.94
N ILE A 227 16.43 -12.51 -4.84
CA ILE A 227 17.82 -12.07 -4.89
C ILE A 227 18.72 -13.17 -5.48
N ALA A 228 18.49 -14.40 -5.05
CA ALA A 228 19.28 -15.52 -5.55
C ALA A 228 19.11 -15.72 -7.05
N LYS A 229 17.88 -15.56 -7.53
CA LYS A 229 17.56 -15.79 -8.93
C LYS A 229 18.12 -14.68 -9.79
N VAL A 230 18.07 -13.45 -9.29
CA VAL A 230 18.62 -12.32 -10.02
C VAL A 230 20.11 -12.58 -10.27
N LYS A 231 20.80 -13.00 -9.22
CA LYS A 231 22.23 -13.28 -9.32
C LYS A 231 22.52 -14.46 -10.24
N ALA A 232 21.78 -15.55 -10.08
CA ALA A 232 22.00 -16.77 -10.88
C ALA A 232 21.77 -16.54 -12.38
N GLU A 233 20.79 -15.72 -12.73
CA GLU A 233 20.43 -15.48 -14.12
C GLU A 233 21.04 -14.23 -14.73
N ASN A 234 21.92 -13.57 -13.97
N ASN A 234 21.90 -13.54 -13.98
CA ASN A 234 22.47 -12.26 -14.32
CA ASN A 234 22.48 -12.26 -14.41
C ASN A 234 21.41 -11.29 -14.85
C ASN A 234 21.40 -11.26 -14.86
N ALA A 235 20.33 -11.15 -14.08
CA ALA A 235 19.23 -10.27 -14.41
C ALA A 235 19.59 -8.82 -14.10
N ASP A 236 18.90 -7.89 -14.78
CA ASP A 236 19.11 -6.47 -14.59
C ASP A 236 18.43 -5.91 -13.33
N LEU A 237 17.43 -6.63 -12.84
CA LEU A 237 16.54 -6.12 -11.78
C LEU A 237 15.70 -7.28 -11.27
N GLY A 238 15.32 -7.24 -10.00
CA GLY A 238 14.29 -8.11 -9.46
C GLY A 238 13.12 -7.29 -8.92
N LEU A 239 11.90 -7.79 -9.13
CA LEU A 239 10.67 -7.15 -8.65
C LEU A 239 9.87 -8.16 -7.86
N ALA A 240 9.27 -7.73 -6.77
CA ALA A 240 8.39 -8.59 -5.96
C ALA A 240 7.09 -7.84 -5.72
N PHE A 241 5.98 -8.54 -5.78
CA PHE A 241 4.68 -7.95 -5.49
C PHE A 241 4.05 -8.56 -4.25
N ASP A 242 3.23 -7.79 -3.55
CA ASP A 242 2.46 -8.37 -2.48
C ASP A 242 1.24 -9.09 -3.02
N GLY A 243 0.49 -9.69 -2.12
CA GLY A 243 -0.56 -10.62 -2.52
C GLY A 243 -1.59 -10.02 -3.44
N ASP A 244 -1.88 -8.72 -3.29
CA ASP A 244 -2.93 -8.08 -4.08
C ASP A 244 -2.41 -7.09 -5.12
N GLY A 245 -1.09 -6.93 -5.23
CA GLY A 245 -0.47 -6.11 -6.26
C GLY A 245 -0.41 -4.62 -6.05
N ASP A 246 -0.74 -4.13 -4.85
CA ASP A 246 -0.64 -2.69 -4.60
C ASP A 246 0.66 -2.30 -3.95
N ARG A 247 1.50 -3.28 -3.61
N ARG A 247 1.53 -3.27 -3.68
CA ARG A 247 2.86 -3.05 -3.09
CA ARG A 247 2.86 -3.00 -3.12
C ARG A 247 3.87 -3.60 -4.08
C ARG A 247 3.92 -3.67 -3.96
N VAL A 248 5.07 -3.02 -4.07
CA VAL A 248 6.18 -3.56 -4.85
C VAL A 248 7.44 -3.49 -4.01
N GLY A 249 8.32 -4.47 -4.24
CA GLY A 249 9.66 -4.48 -3.74
C GLY A 249 10.67 -4.63 -4.87
N VAL A 250 11.88 -4.11 -4.65
CA VAL A 250 12.88 -3.97 -5.70
C VAL A 250 14.25 -4.43 -5.24
N VAL A 251 14.92 -5.17 -6.13
CA VAL A 251 16.27 -5.66 -5.94
C VAL A 251 17.12 -5.27 -7.16
N THR A 252 18.35 -4.81 -6.94
CA THR A 252 19.21 -4.44 -8.05
C THR A 252 19.86 -5.68 -8.67
N ASN A 253 20.56 -5.45 -9.76
CA ASN A 253 21.31 -6.52 -10.44
C ASN A 253 22.35 -7.21 -9.55
N THR A 254 22.81 -6.53 -8.50
CA THR A 254 23.77 -7.14 -7.57
C THR A 254 23.09 -7.67 -6.30
N GLY A 255 21.77 -7.60 -6.22
CA GLY A 255 21.04 -8.16 -5.09
C GLY A 255 20.69 -7.19 -3.96
N THR A 256 21.02 -5.91 -4.14
CA THR A 256 20.75 -4.91 -3.10
C THR A 256 19.24 -4.64 -3.05
N ILE A 257 18.66 -4.69 -1.85
CA ILE A 257 17.27 -4.27 -1.66
C ILE A 257 17.17 -2.74 -1.67
N ILE A 258 16.31 -2.23 -2.55
CA ILE A 258 16.01 -0.81 -2.65
C ILE A 258 14.69 -0.62 -1.94
N TYR A 259 14.76 -0.11 -0.72
CA TYR A 259 13.53 0.11 0.03
C TYR A 259 12.72 1.21 -0.63
N PRO A 260 11.41 1.14 -0.47
CA PRO A 260 10.53 2.06 -1.20
C PRO A 260 10.75 3.55 -0.97
N ASP A 261 11.30 3.96 0.17
CA ASP A 261 11.60 5.37 0.33
C ASP A 261 12.72 5.86 -0.61
N ARG A 262 13.66 4.99 -0.93
N ARG A 262 13.67 4.98 -0.91
CA ARG A 262 14.71 5.35 -1.90
CA ARG A 262 14.73 5.25 -1.90
C ARG A 262 14.26 5.15 -3.36
C ARG A 262 14.22 5.18 -3.34
N LEU A 263 13.37 4.19 -3.60
CA LEU A 263 12.68 4.10 -4.88
C LEU A 263 11.96 5.43 -5.16
N LEU A 264 11.30 5.99 -4.15
CA LEU A 264 10.59 7.23 -4.31
C LEU A 264 11.51 8.40 -4.68
N MET A 265 12.78 8.35 -4.30
CA MET A 265 13.71 9.37 -4.73
C MET A 265 13.84 9.42 -6.25
N LEU A 266 13.99 8.25 -6.86
CA LEU A 266 14.09 8.17 -8.31
C LEU A 266 12.80 8.65 -8.99
N PHE A 267 11.67 8.21 -8.44
CA PHE A 267 10.37 8.60 -9.00
C PHE A 267 10.13 10.10 -8.84
N ALA A 268 10.55 10.66 -7.70
CA ALA A 268 10.34 12.08 -7.43
C ALA A 268 11.13 12.92 -8.41
N LYS A 269 12.38 12.55 -8.63
CA LYS A 269 13.20 13.22 -9.63
C LYS A 269 12.50 13.23 -10.99
N ASP A 270 11.99 12.07 -11.40
CA ASP A 270 11.32 11.89 -12.70
C ASP A 270 10.07 12.78 -12.80
N VAL A 271 9.19 12.68 -11.82
CA VAL A 271 7.94 13.43 -11.85
C VAL A 271 8.20 14.94 -11.76
N VAL A 272 9.04 15.37 -10.84
CA VAL A 272 9.26 16.82 -10.67
C VAL A 272 9.97 17.42 -11.90
N SER A 273 10.81 16.65 -12.61
CA SER A 273 11.46 17.15 -13.84
C SER A 273 10.50 17.66 -14.89
N ARG A 274 9.29 17.11 -14.93
CA ARG A 274 8.26 17.51 -15.89
C ARG A 274 7.19 18.39 -15.27
N ASN A 275 7.24 18.55 -13.95
CA ASN A 275 6.21 19.26 -13.21
C ASN A 275 6.82 20.09 -12.08
N PRO A 276 7.40 21.23 -12.44
CA PRO A 276 8.06 22.09 -11.47
C PRO A 276 7.12 22.47 -10.33
N GLY A 277 7.59 22.40 -9.11
CA GLY A 277 6.81 22.78 -7.95
C GLY A 277 5.84 21.75 -7.42
N ALA A 278 5.80 20.55 -8.02
CA ALA A 278 4.79 19.54 -7.65
C ALA A 278 4.94 19.08 -6.22
N ASP A 279 3.79 18.86 -5.57
CA ASP A 279 3.77 18.25 -4.24
C ASP A 279 4.06 16.76 -4.40
N ILE A 280 4.89 16.24 -3.49
CA ILE A 280 5.24 14.85 -3.42
C ILE A 280 5.07 14.40 -1.97
N ILE A 281 4.20 13.42 -1.76
CA ILE A 281 3.88 12.92 -0.43
C ILE A 281 4.69 11.67 -0.08
N PHE A 282 5.06 11.56 1.18
CA PHE A 282 5.67 10.33 1.69
C PHE A 282 5.20 10.18 3.14
N ASP A 283 5.16 8.95 3.64
CA ASP A 283 4.74 8.77 5.03
C ASP A 283 5.85 8.96 6.04
N VAL A 284 5.44 9.04 7.30
CA VAL A 284 6.38 9.28 8.39
C VAL A 284 7.44 8.21 8.61
N LYS A 285 7.28 7.04 7.97
CA LYS A 285 8.30 5.98 8.05
C LYS A 285 9.43 6.13 7.05
N CYS A 286 9.41 7.17 6.20
CA CYS A 286 10.38 7.32 5.12
C CYS A 286 11.61 8.17 5.51
N THR A 287 12.74 7.84 4.91
CA THR A 287 13.98 8.57 5.17
C THR A 287 13.85 10.07 5.02
N ARG A 288 14.44 10.79 5.98
CA ARG A 288 14.58 12.24 5.90
C ARG A 288 15.28 12.71 4.63
N ARG A 289 16.07 11.83 4.02
CA ARG A 289 16.81 12.19 2.80
C ARG A 289 15.85 12.58 1.67
N LEU A 290 14.61 12.06 1.72
CA LEU A 290 13.58 12.48 0.76
C LEU A 290 13.19 13.92 0.83
N ILE A 291 13.11 14.48 2.02
CA ILE A 291 12.69 15.86 2.16
C ILE A 291 13.63 16.75 1.36
N ALA A 292 14.93 16.61 1.61
CA ALA A 292 15.93 17.43 0.97
C ALA A 292 15.94 17.17 -0.54
N LEU A 293 15.92 15.91 -0.93
CA LEU A 293 15.96 15.55 -2.36
C LEU A 293 14.77 16.13 -3.15
N ILE A 294 13.55 15.98 -2.63
CA ILE A 294 12.42 16.57 -3.30
C ILE A 294 12.56 18.08 -3.41
N SER A 295 12.95 18.72 -2.30
CA SER A 295 13.12 20.17 -2.26
C SER A 295 14.21 20.64 -3.24
N GLY A 296 15.28 19.87 -3.33
CA GLY A 296 16.40 20.19 -4.19
C GLY A 296 16.01 20.23 -5.66
N TYR A 297 15.09 19.34 -6.05
CA TYR A 297 14.61 19.32 -7.43
C TYR A 297 13.46 20.31 -7.67
N GLY A 298 13.08 21.07 -6.63
CA GLY A 298 12.05 22.08 -6.70
C GLY A 298 10.63 21.58 -6.48
N GLY A 299 10.51 20.39 -5.93
CA GLY A 299 9.23 19.85 -5.51
C GLY A 299 8.92 20.32 -4.10
N ARG A 300 7.69 20.08 -3.67
CA ARG A 300 7.24 20.44 -2.34
C ARG A 300 7.03 19.14 -1.56
N PRO A 301 7.90 18.80 -0.63
CA PRO A 301 7.77 17.57 0.14
C PRO A 301 6.65 17.72 1.17
N VAL A 302 5.75 16.74 1.20
CA VAL A 302 4.65 16.71 2.16
C VAL A 302 4.70 15.40 2.91
N MET A 303 5.06 15.49 4.18
CA MET A 303 5.08 14.31 5.04
C MET A 303 3.67 14.07 5.54
N TRP A 304 3.24 12.82 5.53
CA TRP A 304 1.91 12.52 5.99
C TRP A 304 1.83 11.17 6.72
N LYS A 305 0.65 10.86 7.18
CA LYS A 305 0.33 9.68 7.94
C LYS A 305 0.57 8.44 7.13
N THR A 306 1.07 7.41 7.78
CA THR A 306 1.11 6.06 7.21
C THR A 306 -0.32 5.52 6.99
N GLY A 307 -0.49 4.74 5.94
CA GLY A 307 -1.77 4.12 5.63
C GLY A 307 -2.28 4.51 4.25
N HIS A 308 -2.54 3.50 3.42
CA HIS A 308 -2.81 3.74 2.01
C HIS A 308 -4.02 4.65 1.82
N SER A 309 -5.09 4.43 2.57
CA SER A 309 -6.32 5.20 2.45
C SER A 309 -6.09 6.67 2.84
N LEU A 310 -5.27 6.87 3.86
CA LEU A 310 -4.90 8.22 4.32
C LEU A 310 -4.02 8.96 3.31
N ILE A 311 -3.07 8.28 2.70
CA ILE A 311 -2.25 8.86 1.66
C ILE A 311 -3.11 9.24 0.44
N LYS A 312 -4.04 8.38 0.05
CA LYS A 312 -4.93 8.71 -1.07
C LYS A 312 -5.77 9.96 -0.80
N LYS A 313 -6.29 10.10 0.42
CA LYS A 313 -7.03 11.31 0.77
C LYS A 313 -6.14 12.53 0.68
N LYS A 314 -4.89 12.37 1.13
CA LYS A 314 -3.97 13.49 1.16
C LYS A 314 -3.58 13.94 -0.25
N MET A 315 -3.51 13.01 -1.18
N MET A 315 -3.47 12.97 -1.16
CA MET A 315 -3.22 13.39 -2.56
CA MET A 315 -3.28 13.23 -2.60
C MET A 315 -4.35 14.20 -3.19
C MET A 315 -4.33 14.23 -3.08
N LYS A 316 -5.58 13.93 -2.78
CA LYS A 316 -6.72 14.75 -3.22
C LYS A 316 -6.61 16.16 -2.64
N GLU A 317 -6.29 16.24 -1.36
CA GLU A 317 -6.27 17.50 -0.67
C GLU A 317 -5.16 18.41 -1.19
N THR A 318 -4.02 17.84 -1.56
CA THR A 318 -2.84 18.62 -1.91
C THR A 318 -2.64 18.82 -3.39
N GLY A 319 -3.25 17.98 -4.20
CA GLY A 319 -2.97 17.91 -5.61
C GLY A 319 -1.61 17.28 -5.94
N ALA A 320 -1.10 16.49 -5.01
CA ALA A 320 0.21 15.86 -5.22
C ALA A 320 0.23 15.02 -6.47
N LEU A 321 1.36 15.02 -7.17
CA LEU A 321 1.50 14.24 -8.40
C LEU A 321 2.07 12.85 -8.16
N LEU A 322 2.58 12.62 -6.94
CA LEU A 322 3.21 11.37 -6.59
C LEU A 322 3.18 11.23 -5.07
N ALA A 323 2.92 10.02 -4.61
CA ALA A 323 3.06 9.68 -3.19
C ALA A 323 3.68 8.31 -3.04
N GLY A 324 4.34 8.07 -1.90
CA GLY A 324 4.85 6.76 -1.60
C GLY A 324 4.92 6.51 -0.12
N GLU A 325 4.75 5.26 0.28
CA GLU A 325 4.97 4.80 1.63
C GLU A 325 6.16 3.85 1.70
N MET A 326 6.75 3.80 2.90
CA MET A 326 7.86 2.91 3.15
C MET A 326 7.47 1.44 2.92
N SER A 327 6.19 1.12 3.06
CA SER A 327 5.72 -0.24 2.88
C SER A 327 5.70 -0.66 1.43
N GLY A 328 5.79 0.28 0.51
CA GLY A 328 5.88 -0.04 -0.91
C GLY A 328 4.61 0.22 -1.68
N HIS A 329 3.62 0.87 -1.05
CA HIS A 329 2.49 1.45 -1.76
C HIS A 329 3.00 2.74 -2.43
N VAL A 330 2.92 2.80 -3.75
CA VAL A 330 3.36 3.96 -4.54
C VAL A 330 2.25 4.44 -5.45
N PHE A 331 2.02 5.75 -5.42
CA PHE A 331 0.80 6.37 -5.95
C PHE A 331 1.16 7.42 -6.99
N PHE A 332 1.07 7.10 -8.27
CA PHE A 332 1.29 8.06 -9.34
C PHE A 332 -0.01 8.74 -9.68
N LYS A 333 -0.02 10.07 -9.64
CA LYS A 333 -1.09 10.81 -10.30
C LYS A 333 -0.63 11.25 -11.68
N GLU A 334 0.63 11.67 -11.82
CA GLU A 334 1.15 12.10 -13.10
C GLU A 334 1.06 10.95 -14.07
N ARG A 335 0.43 11.18 -15.23
CA ARG A 335 0.23 10.18 -16.27
C ARG A 335 -0.67 9.01 -15.83
N TRP A 336 -1.36 9.20 -14.71
CA TRP A 336 -2.07 8.08 -14.10
C TRP A 336 -3.30 8.60 -13.33
N PHE A 337 -3.74 7.88 -12.30
CA PHE A 337 -5.03 8.10 -11.66
C PHE A 337 -4.94 8.44 -10.17
N GLY A 338 -3.78 8.28 -9.56
CA GLY A 338 -3.59 8.68 -8.19
C GLY A 338 -3.67 7.59 -7.16
N PHE A 339 -3.99 6.38 -7.57
CA PHE A 339 -4.06 5.28 -6.62
C PHE A 339 -2.76 4.48 -6.55
N ASP A 340 -2.60 3.75 -5.47
CA ASP A 340 -1.45 2.86 -5.28
C ASP A 340 -1.52 1.63 -6.20
N ASP A 341 -0.38 1.32 -6.82
CA ASP A 341 -0.33 0.34 -7.89
C ASP A 341 1.11 -0.14 -8.05
N GLY A 342 1.40 -1.33 -7.54
CA GLY A 342 2.74 -1.89 -7.62
C GLY A 342 3.14 -2.23 -9.04
N ILE A 343 2.16 -2.64 -9.83
CA ILE A 343 2.39 -3.09 -11.20
C ILE A 343 2.74 -1.90 -12.09
N TYR A 344 1.93 -0.84 -11.98
CA TYR A 344 2.18 0.40 -12.70
C TYR A 344 3.52 1.00 -12.24
N SER A 345 3.77 0.94 -10.95
CA SER A 345 5.01 1.51 -10.41
C SER A 345 6.23 0.76 -10.95
N ALA A 346 6.11 -0.56 -11.06
CA ALA A 346 7.15 -1.35 -11.68
C ALA A 346 7.41 -0.92 -13.12
N ALA A 347 6.34 -0.68 -13.88
CA ALA A 347 6.46 -0.20 -15.24
C ALA A 347 7.18 1.15 -15.30
N ARG A 348 6.84 2.06 -14.39
CA ARG A 348 7.46 3.37 -14.35
C ARG A 348 8.94 3.26 -14.00
N LEU A 349 9.28 2.33 -13.12
CA LEU A 349 10.67 2.09 -12.75
C LEU A 349 11.45 1.55 -13.94
N LEU A 350 10.88 0.57 -14.62
CA LEU A 350 11.52 0.01 -15.81
C LEU A 350 11.77 1.06 -16.88
N GLU A 351 10.80 1.95 -17.08
CA GLU A 351 10.95 3.05 -18.05
C GLU A 351 12.19 3.91 -17.71
N ILE A 352 12.29 4.33 -16.45
CA ILE A 352 13.41 5.15 -16.02
C ILE A 352 14.74 4.40 -16.13
N LEU A 353 14.78 3.16 -15.66
CA LEU A 353 16.03 2.39 -15.68
C LEU A 353 16.49 2.12 -17.11
N SER A 354 15.55 1.96 -18.02
CA SER A 354 15.91 1.59 -19.39
C SER A 354 16.55 2.76 -20.14
N GLN A 355 16.40 3.97 -19.62
CA GLN A 355 16.95 5.16 -20.28
C GLN A 355 18.31 5.55 -19.71
N ASP A 356 18.79 4.75 -18.77
CA ASP A 356 20.08 4.97 -18.13
C ASP A 356 21.07 3.91 -18.60
N GLN A 357 22.30 4.33 -18.94
CA GLN A 357 23.33 3.40 -19.42
C GLN A 357 23.88 2.53 -18.29
N ARG A 358 23.80 3.02 -17.06
CA ARG A 358 24.30 2.32 -15.89
C ARG A 358 23.35 1.21 -15.48
N ASP A 359 23.89 0.25 -14.74
CA ASP A 359 23.08 -0.81 -14.17
C ASP A 359 22.25 -0.25 -12.99
N SER A 360 21.26 -1.01 -12.55
CA SER A 360 20.35 -0.51 -11.53
C SER A 360 21.05 -0.27 -10.20
N GLU A 361 22.08 -1.05 -9.89
CA GLU A 361 22.85 -0.89 -8.67
C GLU A 361 23.48 0.51 -8.63
N HIS A 362 24.08 0.93 -9.74
CA HIS A 362 24.71 2.24 -9.81
C HIS A 362 23.72 3.40 -9.88
N VAL A 363 22.56 3.19 -10.50
CA VAL A 363 21.52 4.24 -10.52
C VAL A 363 21.13 4.56 -9.08
N PHE A 364 20.88 3.54 -8.28
CA PHE A 364 20.40 3.78 -6.93
C PHE A 364 21.52 4.17 -5.96
N SER A 365 22.73 3.67 -6.15
CA SER A 365 23.79 3.95 -5.17
C SER A 365 24.23 5.41 -5.24
N ALA A 366 23.87 6.10 -6.32
CA ALA A 366 24.24 7.51 -6.48
C ALA A 366 23.56 8.39 -5.43
N PHE A 367 22.39 7.97 -4.98
CA PHE A 367 21.60 8.76 -4.02
C PHE A 367 22.17 8.60 -2.62
N PRO A 368 22.12 9.67 -1.81
CA PRO A 368 22.58 9.58 -0.42
C PRO A 368 21.90 8.46 0.34
N SER A 369 22.64 7.88 1.26
CA SER A 369 22.13 6.80 2.11
C SER A 369 22.47 7.13 3.56
N ASP A 370 21.59 6.74 4.46
CA ASP A 370 21.94 6.71 5.87
C ASP A 370 21.85 5.32 6.44
N ILE A 371 22.35 5.16 7.65
CA ILE A 371 22.26 3.90 8.37
C ILE A 371 20.86 3.82 8.95
N SER A 372 20.15 2.75 8.64
CA SER A 372 18.77 2.60 9.05
C SER A 372 18.52 1.32 9.85
N THR A 373 17.55 1.38 10.76
CA THR A 373 17.12 0.17 11.45
C THR A 373 16.14 -0.56 10.56
N PRO A 374 16.01 -1.87 10.78
CA PRO A 374 14.81 -2.56 10.31
C PRO A 374 13.64 -2.00 11.11
N GLU A 375 12.41 -2.07 10.61
CA GLU A 375 11.23 -1.69 11.37
C GLU A 375 11.28 -2.42 12.72
N ILE A 376 10.96 -1.70 13.78
CA ILE A 376 10.87 -2.28 15.13
C ILE A 376 9.39 -2.29 15.49
N ASN A 377 8.93 -3.39 16.08
CA ASN A 377 7.53 -3.51 16.49
C ASN A 377 7.52 -3.91 17.96
N ILE A 378 6.65 -3.29 18.73
CA ILE A 378 6.45 -3.63 20.14
C ILE A 378 4.98 -3.93 20.34
N THR A 379 4.65 -5.16 20.74
CA THR A 379 3.25 -5.50 20.93
C THR A 379 2.75 -4.92 22.24
N VAL A 380 1.65 -4.19 22.15
CA VAL A 380 0.97 -3.61 23.29
C VAL A 380 -0.45 -4.20 23.28
N THR A 381 -1.50 -3.40 23.44
CA THR A 381 -2.88 -3.86 23.23
C THR A 381 -3.60 -2.93 22.26
N GLU A 382 -4.65 -3.45 21.63
CA GLU A 382 -5.41 -2.67 20.66
C GLU A 382 -6.04 -1.47 21.33
N ASP A 383 -6.42 -1.64 22.60
CA ASP A 383 -7.16 -0.63 23.33
C ASP A 383 -6.25 0.32 24.11
N SER A 384 -4.94 0.08 24.10
CA SER A 384 -3.95 0.97 24.74
C SER A 384 -2.97 1.66 23.77
N LYS A 385 -2.84 1.17 22.55
CA LYS A 385 -1.80 1.69 21.65
C LYS A 385 -2.00 3.19 21.43
N PHE A 386 -3.23 3.62 21.22
CA PHE A 386 -3.49 5.02 20.97
C PHE A 386 -3.24 5.90 22.19
N ALA A 387 -3.51 5.36 23.38
CA ALA A 387 -3.27 6.12 24.61
C ALA A 387 -1.79 6.28 24.91
N ILE A 388 -0.97 5.29 24.55
CA ILE A 388 0.46 5.44 24.71
C ILE A 388 0.95 6.58 23.84
N ILE A 389 0.48 6.64 22.61
CA ILE A 389 0.88 7.71 21.70
C ILE A 389 0.39 9.05 22.23
N GLU A 390 -0.84 9.11 22.71
CA GLU A 390 -1.38 10.35 23.27
C GLU A 390 -0.54 10.84 24.45
N ALA A 391 -0.14 9.91 25.31
CA ALA A 391 0.70 10.25 26.46
C ALA A 391 2.05 10.80 26.01
N LEU A 392 2.66 10.21 24.98
CA LEU A 392 3.92 10.71 24.47
C LEU A 392 3.72 12.12 23.88
N GLN A 393 2.64 12.31 23.15
CA GLN A 393 2.34 13.62 22.57
C GLN A 393 2.11 14.70 23.62
N ARG A 394 1.54 14.30 24.76
CA ARG A 394 1.26 15.24 25.84
C ARG A 394 2.50 15.54 26.66
N ASP A 395 3.31 14.50 26.96
CA ASP A 395 4.25 14.53 28.07
C ASP A 395 5.72 14.52 27.64
N ALA A 396 6.02 13.99 26.46
CA ALA A 396 7.41 13.67 26.14
C ALA A 396 8.26 14.91 25.83
N GLN A 397 9.56 14.77 26.13
CA GLN A 397 10.60 15.77 25.83
C GLN A 397 11.60 15.11 24.90
N TRP A 398 11.90 15.75 23.77
CA TRP A 398 12.69 15.12 22.70
C TRP A 398 14.02 15.80 22.47
N GLY A 399 14.31 16.81 23.25
CA GLY A 399 15.45 17.67 22.98
C GLY A 399 15.22 18.49 21.74
N GLU A 400 16.28 19.13 21.25
CA GLU A 400 16.16 20.00 20.09
C GLU A 400 15.97 19.18 18.82
N GLY A 401 14.96 19.54 18.05
CA GLY A 401 14.64 18.80 16.85
C GLY A 401 13.35 19.31 16.23
N ASN A 402 13.04 18.88 15.02
CA ASN A 402 11.78 19.24 14.36
C ASN A 402 10.79 18.11 14.71
N ILE A 403 9.84 18.44 15.55
CA ILE A 403 8.86 17.47 16.07
C ILE A 403 7.60 17.49 15.26
N THR A 404 7.19 16.31 14.80
CA THR A 404 5.96 16.14 14.03
C THR A 404 5.07 15.15 14.77
N THR A 405 3.82 15.54 15.07
CA THR A 405 2.88 14.64 15.74
C THR A 405 1.66 14.31 14.87
N LEU A 406 1.80 14.46 13.55
CA LEU A 406 0.66 14.13 12.71
C LEU A 406 0.32 12.62 12.72
N ASP A 407 1.32 11.78 13.00
CA ASP A 407 1.14 10.35 13.18
C ASP A 407 2.15 9.83 14.18
N GLY A 408 1.73 9.73 15.43
CA GLY A 408 2.65 9.37 16.52
C GLY A 408 3.56 10.55 16.83
N VAL A 409 4.83 10.27 17.04
CA VAL A 409 5.81 11.33 17.23
C VAL A 409 7.00 10.97 16.37
N ARG A 410 7.33 11.86 15.45
CA ARG A 410 8.56 11.75 14.70
C ARG A 410 9.43 12.97 15.06
N VAL A 411 10.72 12.77 15.27
CA VAL A 411 11.61 13.90 15.52
C VAL A 411 12.73 13.83 14.53
N ASP A 412 12.94 14.93 13.81
CA ASP A 412 14.04 15.02 12.86
C ASP A 412 15.13 15.88 13.46
N TYR A 413 16.29 15.26 13.61
CA TYR A 413 17.46 15.90 14.19
C TYR A 413 18.41 16.26 13.04
N PRO A 414 19.43 17.07 13.31
CA PRO A 414 20.41 17.39 12.25
C PRO A 414 21.07 16.18 11.59
N LYS A 415 21.33 15.10 12.34
CA LYS A 415 22.09 13.97 11.82
C LYS A 415 21.28 12.67 11.77
N GLY A 416 19.97 12.74 11.98
CA GLY A 416 19.17 11.53 11.93
C GLY A 416 17.73 11.82 12.34
N TRP A 417 16.93 10.77 12.48
CA TRP A 417 15.54 10.93 12.89
C TRP A 417 15.05 9.67 13.58
N GLY A 418 13.96 9.83 14.34
CA GLY A 418 13.29 8.69 14.95
C GLY A 418 11.80 8.84 14.91
N LEU A 419 11.10 7.72 14.99
CA LEU A 419 9.63 7.69 14.94
C LEU A 419 9.10 6.63 15.87
N VAL A 420 8.02 6.96 16.57
CA VAL A 420 7.15 5.99 17.21
C VAL A 420 5.70 6.29 16.82
N ARG A 421 4.95 5.28 16.40
CA ARG A 421 3.53 5.46 16.02
C ARG A 421 2.78 4.16 16.30
N ALA A 422 1.46 4.24 16.33
CA ALA A 422 0.61 3.06 16.47
C ALA A 422 0.31 2.50 15.09
N SER A 423 0.50 1.19 14.91
CA SER A 423 -0.01 0.49 13.74
C SER A 423 -1.55 0.54 13.77
N ASN A 424 -2.16 0.63 12.60
CA ASN A 424 -3.61 0.55 12.44
C ASN A 424 -4.05 -0.78 11.82
N THR A 425 -3.14 -1.74 11.77
CA THR A 425 -3.48 -3.09 11.26
C THR A 425 -3.23 -4.18 12.26
N THR A 426 -2.45 -3.87 13.29
CA THR A 426 -2.02 -4.80 14.33
C THR A 426 -1.91 -4.04 15.67
N PRO A 427 -1.95 -4.75 16.79
CA PRO A 427 -1.86 -4.13 18.11
C PRO A 427 -0.44 -3.83 18.56
N VAL A 428 0.24 -2.99 17.80
CA VAL A 428 1.69 -2.76 18.03
C VAL A 428 2.07 -1.29 17.88
N LEU A 429 3.14 -0.92 18.56
CA LEU A 429 3.87 0.32 18.26
C LEU A 429 4.94 0.00 17.24
N VAL A 430 5.12 0.90 16.29
CA VAL A 430 6.05 0.80 15.17
C VAL A 430 7.12 1.88 15.38
N LEU A 431 8.39 1.53 15.32
CA LEU A 431 9.46 2.51 15.45
C LEU A 431 10.43 2.40 14.29
N ARG A 432 11.01 3.51 13.91
CA ARG A 432 12.11 3.52 12.95
C ARG A 432 13.15 4.51 13.40
N PHE A 433 14.41 4.22 13.12
CA PHE A 433 15.51 5.13 13.39
C PHE A 433 16.50 5.11 12.25
N GLU A 434 17.02 6.28 11.91
CA GLU A 434 18.06 6.41 10.89
C GLU A 434 19.00 7.50 11.33
N ALA A 435 20.28 7.39 10.95
CA ALA A 435 21.24 8.44 11.24
C ALA A 435 22.45 8.34 10.32
N ASP A 436 23.21 9.43 10.31
CA ASP A 436 24.51 9.55 9.61
C ASP A 436 25.57 8.60 10.12
N THR A 437 25.56 8.36 11.42
CA THR A 437 26.56 7.51 12.07
C THR A 437 25.88 6.59 13.07
N GLU A 438 26.59 5.52 13.41
CA GLU A 438 26.15 4.63 14.48
C GLU A 438 25.99 5.36 15.82
N GLU A 439 26.89 6.30 16.11
CA GLU A 439 26.85 7.07 17.35
C GLU A 439 25.56 7.87 17.45
N GLU A 440 25.18 8.54 16.37
CA GLU A 440 23.95 9.32 16.39
C GLU A 440 22.73 8.39 16.44
N LEU A 441 22.78 7.27 15.74
CA LEU A 441 21.70 6.30 15.81
C LEU A 441 21.43 5.91 17.26
N GLU A 442 22.49 5.63 18.00
CA GLU A 442 22.37 5.19 19.39
C GLU A 442 21.85 6.34 20.26
N ARG A 443 22.25 7.58 19.98
CA ARG A 443 21.79 8.71 20.76
C ARG A 443 20.29 8.86 20.60
N ILE A 444 19.81 8.77 19.36
CA ILE A 444 18.38 8.89 19.08
C ILE A 444 17.59 7.73 19.70
N LYS A 445 18.09 6.51 19.55
CA LYS A 445 17.45 5.36 20.18
C LYS A 445 17.34 5.59 21.68
N THR A 446 18.38 6.12 22.32
CA THR A 446 18.34 6.39 23.75
C THR A 446 17.28 7.41 24.15
N VAL A 447 17.14 8.48 23.37
CA VAL A 447 16.08 9.44 23.63
C VAL A 447 14.72 8.72 23.62
N PHE A 448 14.47 7.91 22.62
CA PHE A 448 13.15 7.29 22.45
C PHE A 448 12.92 6.23 23.53
N ARG A 449 13.94 5.46 23.85
CA ARG A 449 13.87 4.46 24.91
C ARG A 449 13.46 5.16 26.21
N ASN A 450 14.08 6.29 26.51
CA ASN A 450 13.83 6.99 27.76
C ASN A 450 12.47 7.67 27.80
N GLN A 451 11.95 8.11 26.64
CA GLN A 451 10.63 8.72 26.65
C GLN A 451 9.55 7.66 26.76
N LEU A 452 9.77 6.49 26.17
CA LEU A 452 8.83 5.38 26.32
C LEU A 452 8.75 4.95 27.78
N LYS A 453 9.89 4.81 28.42
CA LYS A 453 9.96 4.37 29.82
C LYS A 453 9.36 5.40 30.78
N ALA A 454 9.40 6.67 30.41
CA ALA A 454 8.80 7.73 31.21
C ALA A 454 7.28 7.64 31.22
N VAL A 455 6.71 7.22 30.08
CA VAL A 455 5.26 7.00 29.97
C VAL A 455 4.85 5.74 30.75
N ASP A 456 5.59 4.66 30.54
CA ASP A 456 5.32 3.39 31.19
C ASP A 456 6.64 2.62 31.32
N SER A 457 7.20 2.61 32.53
CA SER A 457 8.51 1.98 32.77
C SER A 457 8.50 0.47 32.48
N SER A 458 7.31 -0.12 32.36
CA SER A 458 7.17 -1.53 31.98
C SER A 458 7.14 -1.83 30.48
N LEU A 459 7.05 -0.81 29.63
CA LEU A 459 7.03 -1.08 28.20
C LEU A 459 8.30 -1.76 27.73
N PRO A 460 8.18 -2.76 26.87
CA PRO A 460 9.37 -3.34 26.24
C PRO A 460 10.08 -2.26 25.44
N VAL A 461 11.40 -2.27 25.50
CA VAL A 461 12.19 -1.45 24.60
C VAL A 461 13.24 -2.37 23.97
N PRO A 462 12.84 -3.06 22.90
CA PRO A 462 13.68 -4.06 22.23
C PRO A 462 14.51 -3.46 21.11
N PHE A 463 15.21 -2.38 21.44
CA PHE A 463 16.09 -1.70 20.51
C PHE A 463 17.10 -0.91 21.31
C1 G1P B . 0.75 -0.86 7.20
C2 G1P B . 1.78 -0.10 6.39
C3 G1P B . 1.13 1.01 5.56
C4 G1P B . 0.16 0.37 4.57
C5 G1P B . -0.86 -0.52 5.29
C6 G1P B . -1.72 -1.36 4.31
O1 G1P B . 0.07 0.02 8.08
O2 G1P B . 2.80 0.47 7.27
O3 G1P B . 2.14 1.71 4.85
O4 G1P B . -0.57 1.37 3.88
O5 G1P B . -0.24 -1.44 6.27
O6 G1P B . -0.69 -2.05 3.63
O6 G1P B . -2.96 -0.93 4.85
P G1P B . 0.38 0.06 9.67
O1P G1P B . 1.78 0.61 9.82
O2P G1P B . 0.25 -1.30 10.26
O3P G1P B . -0.62 1.03 10.19
ZN ZN C . -1.39 -5.04 -0.83
#